data_6HHH
#
_entry.id   6HHH
#
_cell.length_a   70.320
_cell.length_b   70.890
_cell.length_c   91.080
_cell.angle_alpha   90.00
_cell.angle_beta   90.00
_cell.angle_gamma   90.00
#
_symmetry.space_group_name_H-M   'P 21 21 21'
#
loop_
_entity.id
_entity.type
_entity.pdbx_description
1 polymer 'RAC-alpha serine/threonine-protein kinase'
2 non-polymer ~{N}-[4-[4-[[4-(5-oxidanylidene-3-phenyl-6~{H}-1,6-naphthyridin-2-yl)phenyl]methyl]piperazin-1-yl]phenyl]propanamide
3 water water
#
_entity_poly.entity_id   1
_entity_poly.type   'polypeptide(L)'
_entity_poly.pdbx_seq_one_letter_code
;GSDVAIVKEGWLHKRGEYIKTWRPRYFLLKNDGTFIGYKERPQDVDQREAPLNNFSVAQCQLMKTERPRPNTFIIRCLQW
TTVIERTFHVETPEEREEWTTAIQTVADGLKKQAAAEMDFRSGSPSDNSGAEEMEVSLAKPKHRVTMNEFEYLKLLGKGT
FGKVILVKEKATGRYYAMKILKKEVIVAKDEVAHTLTENRVLQNSRHPFLTALKYSFQTHDRLCFVMEYANGGELFFHLS
RERVFSEDRARFYGAEIVSALDYLHSEKNVVYRDLKLENLMLDKDGHIKITDFGLCKEGIKDGATMKTFCGTPEYLAPEV
LEDNDYGRAVDWWGLGVVMYEMMCGRLPFYNQDHEKLFELILMEEIRFPRTLGPEAKSLLSGLLKKDPKQRLGGGSEDAK
EIMQHRFFAGIVWQHVYEKKLSPPFKPQVTSETDTRYFDEEFTAQM
;
_entity_poly.pdbx_strand_id   A
#
# COMPACT_ATOMS: atom_id res chain seq x y z
N SER A 2 -22.83 -20.07 1.81
CA SER A 2 -23.33 -19.24 0.71
C SER A 2 -22.39 -19.28 -0.48
N ASP A 3 -22.95 -19.03 -1.67
CA ASP A 3 -22.17 -19.02 -2.90
C ASP A 3 -22.03 -17.61 -3.44
N VAL A 4 -20.82 -17.27 -3.92
CA VAL A 4 -20.54 -15.92 -4.38
C VAL A 4 -21.06 -15.68 -5.80
N ALA A 5 -22.01 -14.76 -5.93
CA ALA A 5 -22.57 -14.44 -7.24
C ALA A 5 -22.62 -12.93 -7.47
N ILE A 6 -22.80 -12.53 -8.71
CA ILE A 6 -22.85 -11.13 -9.08
C ILE A 6 -24.21 -10.51 -8.77
N VAL A 7 -24.22 -9.52 -7.88
CA VAL A 7 -25.46 -8.82 -7.52
C VAL A 7 -25.85 -7.84 -8.62
N LYS A 8 -24.89 -7.04 -9.07
CA LYS A 8 -25.13 -6.07 -10.13
C LYS A 8 -23.85 -5.73 -10.88
N GLU A 9 -23.92 -5.76 -12.21
CA GLU A 9 -22.79 -5.43 -13.06
C GLU A 9 -23.22 -4.40 -14.10
N GLY A 10 -22.30 -3.49 -14.46
CA GLY A 10 -22.60 -2.45 -15.42
C GLY A 10 -21.47 -1.47 -15.64
N TRP A 11 -21.65 -0.58 -16.62
CA TRP A 11 -20.65 0.43 -16.91
C TRP A 11 -20.79 1.63 -16.00
N LEU A 12 -19.68 2.01 -15.38
CA LEU A 12 -19.65 3.22 -14.59
C LEU A 12 -18.52 4.11 -15.06
N HIS A 13 -18.52 5.36 -14.62
CA HIS A 13 -17.44 6.27 -14.91
C HIS A 13 -16.65 6.53 -13.63
N LYS A 14 -15.57 5.79 -13.47
CA LYS A 14 -14.69 5.93 -12.31
C LYS A 14 -13.74 7.11 -12.49
N ARG A 15 -13.59 7.91 -11.44
CA ARG A 15 -12.58 8.97 -11.47
C ARG A 15 -11.23 8.32 -11.19
N GLY A 16 -10.27 8.59 -12.08
CA GLY A 16 -8.94 8.03 -11.94
C GLY A 16 -8.29 8.47 -10.65
N GLU A 17 -7.53 7.57 -10.02
CA GLU A 17 -6.96 7.86 -8.72
C GLU A 17 -5.73 8.75 -8.83
N TYR A 18 -5.05 8.68 -9.97
CA TYR A 18 -3.88 9.51 -10.22
C TYR A 18 -4.08 10.36 -11.46
N ILE A 19 -5.26 10.22 -12.06
CA ILE A 19 -5.64 11.05 -13.19
C ILE A 19 -7.00 11.68 -12.91
N LYS A 20 -7.07 13.00 -13.04
CA LYS A 20 -8.29 13.74 -12.75
C LYS A 20 -9.45 13.33 -13.65
N THR A 21 -9.13 12.70 -14.79
CA THR A 21 -10.14 12.35 -15.80
C THR A 21 -11.08 11.24 -15.33
N TRP A 22 -12.28 11.22 -15.91
CA TRP A 22 -13.22 10.12 -15.71
C TRP A 22 -12.94 9.02 -16.73
N ARG A 23 -13.13 7.78 -16.31
CA ARG A 23 -12.79 6.65 -17.17
C ARG A 23 -13.88 5.58 -17.14
N PRO A 24 -14.32 5.14 -18.33
CA PRO A 24 -15.33 4.08 -18.46
C PRO A 24 -14.78 2.73 -18.00
N ARG A 25 -15.38 2.17 -16.95
CA ARG A 25 -14.97 0.87 -16.44
C ARG A 25 -16.19 0.01 -16.14
N TYR A 26 -16.10 -1.25 -16.52
CA TYR A 26 -17.16 -2.20 -16.26
C TYR A 26 -17.00 -2.76 -14.85
N PHE A 27 -17.97 -2.52 -13.98
CA PHE A 27 -17.85 -2.93 -12.58
C PHE A 27 -18.69 -4.14 -12.24
N LEU A 28 -18.16 -4.95 -11.34
CA LEU A 28 -18.87 -6.12 -10.85
C LEU A 28 -19.08 -6.00 -9.34
N LEU A 29 -20.32 -6.20 -8.91
CA LEU A 29 -20.64 -6.18 -7.48
C LEU A 29 -21.13 -7.55 -7.04
N LYS A 30 -20.23 -8.32 -6.44
CA LYS A 30 -20.56 -9.67 -5.97
C LYS A 30 -21.00 -9.65 -4.50
N ASN A 31 -21.67 -10.71 -4.06
CA ASN A 31 -22.23 -10.76 -2.72
C ASN A 31 -21.16 -10.91 -1.62
N ASP A 32 -19.93 -11.20 -2.03
CA ASP A 32 -18.82 -11.27 -1.08
C ASP A 32 -18.37 -9.86 -0.70
N GLY A 33 -18.84 -8.88 -1.46
CA GLY A 33 -18.55 -7.49 -1.16
C GLY A 33 -17.51 -6.86 -2.06
N THR A 34 -16.98 -7.61 -3.01
CA THR A 34 -15.97 -7.08 -3.94
C THR A 34 -16.61 -6.25 -5.04
N PHE A 35 -16.26 -4.98 -5.05
CA PHE A 35 -16.66 -4.06 -6.10
C PHE A 35 -15.44 -3.74 -6.95
N ILE A 36 -15.28 -4.50 -8.03
CA ILE A 36 -14.12 -4.35 -8.89
C ILE A 36 -14.54 -3.84 -10.26
N GLY A 37 -13.72 -2.98 -10.85
CA GLY A 37 -13.98 -2.43 -12.17
C GLY A 37 -12.91 -2.83 -13.15
N TYR A 38 -13.34 -3.14 -14.37
CA TYR A 38 -12.44 -3.64 -15.41
C TYR A 38 -12.49 -2.75 -16.64
N LYS A 39 -11.37 -2.66 -17.36
CA LYS A 39 -11.29 -1.80 -18.53
C LYS A 39 -12.28 -2.24 -19.61
N GLU A 40 -12.29 -3.54 -19.88
CA GLU A 40 -13.25 -4.13 -20.83
C GLU A 40 -14.13 -5.12 -20.07
N ARG A 41 -15.22 -5.56 -20.69
CA ARG A 41 -16.09 -6.56 -20.09
C ARG A 41 -15.25 -7.79 -19.72
N PRO A 42 -15.31 -8.20 -18.44
CA PRO A 42 -14.36 -9.17 -17.89
C PRO A 42 -14.41 -10.54 -18.54
N GLN A 43 -13.24 -11.15 -18.68
CA GLN A 43 -13.14 -12.54 -19.12
C GLN A 43 -13.86 -13.41 -18.11
N ASP A 44 -14.74 -14.27 -18.60
CA ASP A 44 -15.59 -15.07 -17.72
C ASP A 44 -14.78 -15.88 -16.70
N VAL A 45 -13.57 -16.26 -17.10
CA VAL A 45 -12.65 -16.96 -16.22
C VAL A 45 -12.26 -16.08 -15.03
N GLU A 49 -9.50 -15.25 -8.98
CA GLU A 49 -8.46 -15.15 -7.96
C GLU A 49 -9.06 -15.10 -6.56
N ALA A 50 -8.22 -14.84 -5.56
CA ALA A 50 -8.67 -14.78 -4.18
C ALA A 50 -9.27 -13.42 -3.85
N PRO A 51 -10.17 -13.36 -2.86
CA PRO A 51 -10.82 -12.09 -2.52
C PRO A 51 -9.89 -11.10 -1.83
N LEU A 52 -9.75 -9.92 -2.41
CA LEU A 52 -8.94 -8.87 -1.80
C LEU A 52 -9.83 -7.87 -1.07
N ASN A 53 -9.42 -7.48 0.13
CA ASN A 53 -10.21 -6.56 0.93
C ASN A 53 -10.13 -5.13 0.42
N ASN A 54 -9.18 -4.83 -0.47
CA ASN A 54 -9.04 -3.48 -1.02
C ASN A 54 -10.30 -3.03 -1.75
N PHE A 55 -11.03 -3.99 -2.29
CA PHE A 55 -12.17 -3.71 -3.14
C PHE A 55 -13.49 -3.96 -2.42
N SER A 56 -13.39 -4.40 -1.17
CA SER A 56 -14.56 -4.72 -0.37
C SER A 56 -15.35 -3.46 -0.03
N VAL A 57 -16.66 -3.55 -0.12
CA VAL A 57 -17.55 -2.45 0.26
C VAL A 57 -18.03 -2.64 1.69
N ALA A 58 -17.35 -3.50 2.44
CA ALA A 58 -17.70 -3.74 3.83
C ALA A 58 -17.30 -2.54 4.69
N GLN A 59 -18.22 -2.13 5.56
CA GLN A 59 -18.05 -0.99 6.47
C GLN A 59 -17.72 0.27 5.69
N CYS A 60 -18.58 0.57 4.72
CA CYS A 60 -18.41 1.73 3.86
C CYS A 60 -19.68 2.55 3.80
N GLN A 61 -19.53 3.87 3.81
CA GLN A 61 -20.68 4.75 3.67
C GLN A 61 -20.75 5.29 2.25
N LEU A 62 -21.95 5.24 1.68
CA LEU A 62 -22.17 5.75 0.33
C LEU A 62 -22.76 7.13 0.40
N MET A 63 -22.19 8.04 -0.38
CA MET A 63 -22.63 9.42 -0.43
C MET A 63 -22.95 9.82 -1.85
N LYS A 64 -24.17 10.29 -2.08
CA LYS A 64 -24.58 10.76 -3.39
C LYS A 64 -24.51 12.28 -3.44
N THR A 65 -23.61 12.81 -4.24
CA THR A 65 -23.50 14.27 -4.44
C THR A 65 -23.68 14.64 -5.91
N GLU A 66 -23.76 15.94 -6.17
CA GLU A 66 -23.88 16.44 -7.53
C GLU A 66 -22.64 17.22 -7.91
N ARG A 67 -21.63 17.16 -7.04
CA ARG A 67 -20.37 17.83 -7.28
C ARG A 67 -19.24 16.84 -7.08
N PRO A 68 -18.18 16.94 -7.89
CA PRO A 68 -17.98 17.99 -8.91
C PRO A 68 -18.77 17.73 -10.19
N ARG A 69 -19.48 16.61 -10.24
CA ARG A 69 -20.25 16.23 -11.42
C ARG A 69 -21.58 15.60 -11.01
N PRO A 70 -22.68 16.00 -11.67
CA PRO A 70 -24.01 15.44 -11.38
C PRO A 70 -24.04 13.92 -11.42
N ASN A 71 -25.02 13.32 -10.75
CA ASN A 71 -25.17 11.87 -10.69
C ASN A 71 -23.90 11.18 -10.21
N THR A 72 -23.29 11.74 -9.17
CA THR A 72 -22.07 11.18 -8.61
C THR A 72 -22.39 10.47 -7.30
N PHE A 73 -21.87 9.26 -7.14
CA PHE A 73 -21.94 8.59 -5.84
C PHE A 73 -20.54 8.16 -5.42
N ILE A 74 -20.26 8.38 -4.14
CA ILE A 74 -18.94 8.16 -3.60
C ILE A 74 -18.96 7.06 -2.55
N ILE A 75 -18.09 6.07 -2.71
CA ILE A 75 -17.92 5.06 -1.69
C ILE A 75 -16.76 5.47 -0.80
N ARG A 76 -16.99 5.44 0.52
CA ARG A 76 -15.98 5.82 1.49
C ARG A 76 -15.75 4.66 2.43
N CYS A 77 -14.52 4.17 2.50
CA CYS A 77 -14.23 2.97 3.27
C CYS A 77 -13.10 3.17 4.23
N LEU A 78 -13.25 2.60 5.42
CA LEU A 78 -12.17 2.57 6.38
C LEU A 78 -11.42 1.26 6.26
N GLN A 79 -10.23 1.31 5.68
CA GLN A 79 -9.42 0.11 5.55
C GLN A 79 -8.20 0.17 6.46
N TRP A 80 -8.18 -0.72 7.43
CA TRP A 80 -7.20 -0.72 8.51
C TRP A 80 -7.21 0.65 9.22
N THR A 81 -6.22 1.49 8.94
CA THR A 81 -6.18 2.80 9.59
C THR A 81 -6.24 3.94 8.59
N THR A 82 -6.64 3.63 7.36
CA THR A 82 -6.69 4.63 6.31
C THR A 82 -8.04 4.67 5.63
N VAL A 83 -8.61 5.86 5.55
CA VAL A 83 -9.86 6.05 4.82
C VAL A 83 -9.53 6.18 3.33
N ILE A 84 -10.11 5.30 2.52
CA ILE A 84 -9.99 5.41 1.08
C ILE A 84 -11.32 5.90 0.48
N GLU A 85 -11.22 6.60 -0.64
CA GLU A 85 -12.40 7.17 -1.26
C GLU A 85 -12.41 6.83 -2.76
N ARG A 86 -13.51 6.24 -3.21
CA ARG A 86 -13.64 5.95 -4.63
C ARG A 86 -14.87 6.64 -5.22
N THR A 87 -14.63 7.54 -6.17
CA THR A 87 -15.69 8.35 -6.76
C THR A 87 -16.19 7.77 -8.08
N PHE A 88 -17.50 7.67 -8.21
CA PHE A 88 -18.09 7.14 -9.43
C PHE A 88 -19.18 8.05 -10.00
N HIS A 89 -19.42 7.88 -11.29
CA HIS A 89 -20.38 8.72 -12.00
C HIS A 89 -21.22 7.89 -12.97
N VAL A 90 -22.52 8.12 -12.95
CA VAL A 90 -23.45 7.48 -13.89
C VAL A 90 -24.12 8.54 -14.74
N GLU A 91 -24.89 8.11 -15.72
CA GLU A 91 -25.54 9.04 -16.64
C GLU A 91 -26.90 9.51 -16.13
N THR A 92 -27.68 8.58 -15.60
CA THR A 92 -29.02 8.91 -15.10
C THR A 92 -29.10 8.71 -13.60
N PRO A 93 -29.88 9.57 -12.91
CA PRO A 93 -30.07 9.47 -11.46
C PRO A 93 -30.65 8.12 -11.03
N GLU A 94 -31.46 7.52 -11.89
CA GLU A 94 -32.07 6.22 -11.58
C GLU A 94 -30.99 5.14 -11.51
N GLU A 95 -29.96 5.25 -12.34
CA GLU A 95 -28.87 4.29 -12.34
C GLU A 95 -28.06 4.39 -11.06
N ARG A 96 -27.83 5.63 -10.61
CA ARG A 96 -27.07 5.85 -9.39
C ARG A 96 -27.78 5.22 -8.19
N GLU A 97 -29.10 5.36 -8.16
CA GLU A 97 -29.88 4.92 -7.01
C GLU A 97 -29.93 3.40 -6.92
N GLU A 98 -29.98 2.73 -8.07
CA GLU A 98 -30.01 1.28 -8.07
C GLU A 98 -28.61 0.72 -7.86
N TRP A 99 -27.59 1.54 -8.12
CA TRP A 99 -26.22 1.14 -7.81
C TRP A 99 -25.94 1.28 -6.33
N THR A 100 -26.35 2.40 -5.74
CA THR A 100 -26.10 2.65 -4.33
C THR A 100 -26.91 1.69 -3.46
N THR A 101 -28.14 1.42 -3.86
CA THR A 101 -29.00 0.50 -3.13
C THR A 101 -28.37 -0.90 -3.13
N ALA A 102 -27.86 -1.30 -4.30
CA ALA A 102 -27.22 -2.60 -4.45
C ALA A 102 -26.00 -2.71 -3.54
N ILE A 103 -25.21 -1.66 -3.52
CA ILE A 103 -24.00 -1.63 -2.72
C ILE A 103 -24.34 -1.53 -1.23
N GLN A 104 -25.33 -0.71 -0.90
CA GLN A 104 -25.74 -0.57 0.49
C GLN A 104 -26.30 -1.89 1.02
N THR A 105 -27.00 -2.61 0.16
CA THR A 105 -27.56 -3.91 0.53
C THR A 105 -26.45 -4.91 0.87
N VAL A 106 -25.46 -5.00 0.00
CA VAL A 106 -24.33 -5.91 0.20
C VAL A 106 -23.51 -5.47 1.42
N ALA A 107 -23.32 -4.17 1.57
CA ALA A 107 -22.54 -3.64 2.70
C ALA A 107 -23.16 -4.01 4.04
N ASP A 108 -24.47 -3.82 4.16
CA ASP A 108 -25.17 -4.18 5.38
C ASP A 108 -25.31 -5.70 5.45
N GLY A 109 -25.36 -6.34 4.28
CA GLY A 109 -25.51 -7.79 4.20
C GLY A 109 -24.27 -8.55 4.64
N LEU A 110 -23.15 -7.85 4.76
CA LEU A 110 -21.91 -8.49 5.19
C LEU A 110 -21.68 -8.35 6.69
N LYS A 111 -22.62 -7.72 7.39
CA LYS A 111 -22.53 -7.62 8.84
C LYS A 111 -22.74 -8.99 9.49
N LYS A 112 -23.50 -9.85 8.81
CA LYS A 112 -23.74 -11.22 9.24
C LYS A 112 -24.30 -11.29 10.67
N ARG A 144 -9.95 7.25 28.85
CA ARG A 144 -8.76 6.81 29.58
C ARG A 144 -7.49 7.32 28.92
N VAL A 145 -7.48 7.28 27.58
CA VAL A 145 -6.34 7.77 26.81
C VAL A 145 -6.73 9.04 26.06
N THR A 146 -5.98 10.11 26.29
CA THR A 146 -6.27 11.39 25.66
C THR A 146 -5.06 12.05 25.01
N MET A 147 -5.33 13.18 24.37
CA MET A 147 -4.34 13.91 23.57
C MET A 147 -3.17 14.43 24.40
N ASN A 148 -3.45 14.79 25.65
CA ASN A 148 -2.45 15.38 26.54
C ASN A 148 -1.35 14.41 26.94
N GLU A 149 -1.61 13.11 26.79
CA GLU A 149 -0.63 12.07 27.14
C GLU A 149 0.52 12.02 26.15
N PHE A 150 0.38 12.72 25.02
CA PHE A 150 1.42 12.70 24.00
C PHE A 150 2.02 14.08 23.77
N GLU A 151 3.22 14.10 23.17
CA GLU A 151 3.94 15.32 22.83
C GLU A 151 4.12 15.34 21.31
N TYR A 152 3.80 16.46 20.66
CA TYR A 152 3.68 16.49 19.21
C TYR A 152 4.83 17.22 18.54
N LEU A 153 5.75 16.43 17.98
CA LEU A 153 7.03 16.97 17.51
C LEU A 153 6.98 17.42 16.06
N LYS A 154 6.42 16.58 15.20
CA LYS A 154 6.51 16.80 13.76
C LYS A 154 5.25 16.33 13.04
N LEU A 155 4.85 17.09 12.03
CA LEU A 155 3.78 16.69 11.14
C LEU A 155 4.37 15.83 10.03
N LEU A 156 4.04 14.54 10.03
CA LEU A 156 4.60 13.62 9.06
C LEU A 156 3.88 13.71 7.73
N GLY A 157 2.57 13.89 7.80
CA GLY A 157 1.76 13.99 6.60
C GLY A 157 0.39 14.55 6.92
N LYS A 158 -0.19 15.24 5.94
CA LYS A 158 -1.55 15.74 6.08
C LYS A 158 -2.39 15.21 4.91
N GLY A 159 -3.70 15.20 5.08
CA GLY A 159 -4.57 14.61 4.09
C GLY A 159 -5.96 15.21 4.16
N THR A 160 -6.87 14.66 3.37
CA THR A 160 -8.23 15.18 3.31
C THR A 160 -8.99 14.82 4.58
N PHE A 161 -8.89 13.56 5.00
CA PHE A 161 -9.69 13.07 6.11
C PHE A 161 -8.90 13.02 7.42
N GLY A 162 -7.74 13.66 7.44
CA GLY A 162 -6.96 13.73 8.66
C GLY A 162 -5.48 13.93 8.45
N LYS A 163 -4.68 13.66 9.48
CA LYS A 163 -3.24 13.88 9.42
C LYS A 163 -2.45 12.83 10.19
N VAL A 164 -1.15 12.77 9.93
CA VAL A 164 -0.26 11.90 10.68
C VAL A 164 0.78 12.76 11.39
N ILE A 165 0.93 12.52 12.69
CA ILE A 165 1.84 13.31 13.48
C ILE A 165 2.82 12.44 14.23
N LEU A 166 4.09 12.78 14.13
CA LEU A 166 5.09 12.15 14.96
C LEU A 166 4.88 12.63 16.39
N VAL A 167 4.63 11.70 17.30
CA VAL A 167 4.40 12.03 18.70
C VAL A 167 5.37 11.30 19.62
N LYS A 168 5.44 11.76 20.86
CA LYS A 168 6.21 11.10 21.90
C LYS A 168 5.30 10.89 23.11
N GLU A 169 5.10 9.63 23.52
CA GLU A 169 4.29 9.36 24.72
C GLU A 169 5.07 9.89 25.92
N LYS A 170 4.45 10.75 26.72
CA LYS A 170 5.14 11.40 27.83
C LYS A 170 5.62 10.37 28.85
N ALA A 171 4.78 9.37 29.12
CA ALA A 171 5.08 8.37 30.15
C ALA A 171 6.25 7.49 29.75
N THR A 172 6.13 6.81 28.62
CA THR A 172 7.16 5.87 28.17
C THR A 172 8.40 6.60 27.66
N GLY A 173 8.19 7.76 27.06
CA GLY A 173 9.28 8.51 26.45
C GLY A 173 9.56 8.01 25.05
N ARG A 174 8.67 7.16 24.54
CA ARG A 174 8.85 6.52 23.24
C ARG A 174 8.17 7.28 22.11
N TYR A 175 8.63 7.01 20.89
CA TYR A 175 8.17 7.74 19.72
C TYR A 175 7.18 6.91 18.90
N TYR A 176 6.02 7.51 18.62
CA TYR A 176 4.93 6.85 17.90
C TYR A 176 4.42 7.73 16.78
N ALA A 177 3.74 7.14 15.82
CA ALA A 177 3.07 7.92 14.80
C ALA A 177 1.58 7.91 15.10
N MET A 178 1.00 9.09 15.25
CA MET A 178 -0.41 9.17 15.54
C MET A 178 -1.17 9.59 14.32
N LYS A 179 -2.09 8.75 13.91
CA LYS A 179 -2.90 8.97 12.72
C LYS A 179 -4.23 9.54 13.13
N ILE A 180 -4.40 10.84 12.95
CA ILE A 180 -5.59 11.51 13.42
C ILE A 180 -6.59 11.69 12.28
N LEU A 181 -7.75 11.04 12.41
CA LEU A 181 -8.78 11.08 11.38
C LEU A 181 -10.06 11.73 11.89
N LYS A 182 -10.80 12.36 10.99
CA LYS A 182 -12.06 13.01 11.34
C LYS A 182 -13.18 11.99 11.65
N LYS A 183 -13.71 12.07 12.86
CA LYS A 183 -14.72 11.12 13.36
C LYS A 183 -15.95 11.03 12.46
N GLU A 184 -16.35 12.17 11.89
CA GLU A 184 -17.50 12.21 10.98
C GLU A 184 -17.31 11.24 9.81
N VAL A 185 -16.10 11.22 9.27
CA VAL A 185 -15.75 10.36 8.14
C VAL A 185 -15.64 8.90 8.57
N ARG A 200 -12.32 -4.19 21.90
CA ARG A 200 -11.95 -5.19 20.91
C ARG A 200 -10.49 -5.07 20.48
N VAL A 201 -9.59 -5.72 21.22
CA VAL A 201 -8.18 -5.78 20.85
C VAL A 201 -7.95 -6.82 19.76
N LEU A 202 -7.91 -6.36 18.51
CA LEU A 202 -7.74 -7.25 17.37
C LEU A 202 -6.28 -7.28 16.91
N GLN A 203 -5.36 -7.18 17.86
CA GLN A 203 -3.95 -7.11 17.52
C GLN A 203 -3.33 -8.49 17.39
N ASN A 204 -3.92 -9.32 16.53
CA ASN A 204 -3.26 -10.50 16.00
C ASN A 204 -2.79 -10.12 14.60
N SER A 205 -2.53 -8.83 14.45
CA SER A 205 -2.15 -8.24 13.18
C SER A 205 -0.67 -7.87 13.23
N ARG A 206 0.02 -8.34 14.25
CA ARG A 206 1.43 -8.02 14.42
C ARG A 206 2.31 -8.84 13.47
N HIS A 207 3.35 -8.20 12.97
CA HIS A 207 4.31 -8.82 12.06
C HIS A 207 5.62 -8.03 12.17
N PRO A 208 6.75 -8.73 12.29
CA PRO A 208 8.08 -8.17 12.58
C PRO A 208 8.47 -6.99 11.71
N PHE A 209 7.91 -6.93 10.51
CA PHE A 209 8.34 -5.95 9.53
C PHE A 209 7.25 -4.94 9.16
N LEU A 210 6.15 -4.97 9.93
CA LEU A 210 5.07 -4.01 9.76
C LEU A 210 4.94 -3.11 10.99
N THR A 211 4.79 -1.81 10.77
CA THR A 211 4.58 -0.90 11.88
C THR A 211 3.32 -1.33 12.62
N ALA A 212 3.48 -1.69 13.88
CA ALA A 212 2.38 -2.18 14.67
C ALA A 212 1.44 -1.06 15.05
N LEU A 213 0.16 -1.27 14.78
CA LEU A 213 -0.87 -0.43 15.35
C LEU A 213 -1.06 -0.87 16.80
N LYS A 214 -0.59 -0.05 17.74
CA LYS A 214 -0.63 -0.44 19.15
C LYS A 214 -2.03 -0.34 19.74
N TYR A 215 -2.59 0.86 19.71
CA TYR A 215 -3.97 1.07 20.18
C TYR A 215 -4.71 2.13 19.38
N SER A 216 -5.97 2.33 19.74
CA SER A 216 -6.83 3.29 19.08
C SER A 216 -7.74 4.00 20.08
N PHE A 217 -7.76 5.32 20.00
CA PHE A 217 -8.67 6.10 20.84
C PHE A 217 -9.26 7.22 20.01
N GLN A 218 -10.34 7.79 20.51
CA GLN A 218 -10.99 8.87 19.79
C GLN A 218 -11.31 10.03 20.71
N THR A 219 -11.06 11.23 20.21
CA THR A 219 -11.42 12.41 20.95
C THR A 219 -12.84 12.82 20.61
N HIS A 220 -13.16 14.05 20.95
CA HIS A 220 -14.45 14.64 20.67
C HIS A 220 -14.90 14.41 19.22
N ASP A 221 -14.03 14.77 18.29
CA ASP A 221 -14.40 14.79 16.88
C ASP A 221 -13.34 14.13 16.01
N ARG A 222 -12.43 13.40 16.65
CA ARG A 222 -11.32 12.81 15.93
C ARG A 222 -11.10 11.36 16.36
N LEU A 223 -10.60 10.55 15.43
CA LEU A 223 -10.21 9.18 15.73
C LEU A 223 -8.71 9.01 15.53
N CYS A 224 -8.02 8.62 16.59
CA CYS A 224 -6.57 8.61 16.57
C CYS A 224 -6.00 7.19 16.61
N PHE A 225 -5.14 6.89 15.65
CA PHE A 225 -4.44 5.61 15.58
C PHE A 225 -3.00 5.76 16.02
N VAL A 226 -2.65 5.20 17.18
CA VAL A 226 -1.27 5.23 17.65
C VAL A 226 -0.51 4.00 17.20
N MET A 227 0.59 4.22 16.48
CA MET A 227 1.37 3.11 15.94
C MET A 227 2.88 3.31 16.12
N GLU A 228 3.61 2.20 16.10
CA GLU A 228 5.06 2.22 16.26
C GLU A 228 5.73 3.12 15.24
N TYR A 229 6.78 3.82 15.67
CA TYR A 229 7.61 4.60 14.77
C TYR A 229 9.06 4.17 14.93
N ALA A 230 9.63 3.62 13.87
CA ALA A 230 11.00 3.12 13.93
C ALA A 230 12.00 4.28 13.96
N ASN A 231 13.05 4.14 14.75
CA ASN A 231 14.01 5.22 14.91
C ASN A 231 15.35 4.91 14.26
N GLY A 232 15.36 3.93 13.35
CA GLY A 232 16.58 3.57 12.65
C GLY A 232 16.77 4.42 11.41
N GLY A 233 15.91 5.43 11.24
CA GLY A 233 16.02 6.37 10.15
C GLY A 233 15.31 5.91 8.90
N GLU A 234 14.92 6.86 8.07
CA GLU A 234 14.29 6.56 6.79
C GLU A 234 15.27 5.78 5.91
N LEU A 235 14.74 4.82 5.16
CA LEU A 235 15.58 3.99 4.32
C LEU A 235 16.11 4.77 3.11
N PHE A 236 15.33 5.72 2.59
CA PHE A 236 15.87 6.53 1.50
C PHE A 236 17.02 7.39 2.02
N PHE A 237 16.95 7.78 3.29
CA PHE A 237 18.02 8.56 3.90
C PHE A 237 19.27 7.70 4.06
N HIS A 238 19.08 6.39 4.17
CA HIS A 238 20.22 5.48 4.25
C HIS A 238 20.74 5.16 2.86
N LEU A 239 19.83 4.99 1.92
CA LEU A 239 20.20 4.66 0.56
C LEU A 239 20.94 5.80 -0.11
N SER A 240 20.39 7.02 0.00
CA SER A 240 21.03 8.20 -0.58
C SER A 240 22.38 8.46 0.07
N ARG A 241 22.50 8.15 1.36
CA ARG A 241 23.73 8.34 2.10
C ARG A 241 24.80 7.35 1.65
N GLU A 242 24.38 6.14 1.31
CA GLU A 242 25.30 5.11 0.87
C GLU A 242 25.27 4.96 -0.65
N ARG A 243 24.47 5.79 -1.30
CA ARG A 243 24.30 5.79 -2.75
C ARG A 243 23.73 4.47 -3.28
N VAL A 244 24.42 3.36 -3.07
CA VAL A 244 23.95 2.07 -3.55
C VAL A 244 24.14 0.99 -2.48
N PHE A 245 23.19 0.07 -2.38
CA PHE A 245 23.33 -1.07 -1.48
C PHE A 245 24.02 -2.21 -2.20
N SER A 246 24.83 -2.96 -1.47
CA SER A 246 25.42 -4.18 -2.02
C SER A 246 24.28 -5.15 -2.33
N GLU A 247 24.50 -6.01 -3.31
CA GLU A 247 23.49 -6.96 -3.79
C GLU A 247 22.97 -7.83 -2.64
N ASP A 248 23.85 -8.26 -1.75
CA ASP A 248 23.44 -9.06 -0.61
C ASP A 248 22.64 -8.24 0.40
N ARG A 249 23.01 -6.98 0.57
CA ARG A 249 22.30 -6.12 1.51
C ARG A 249 20.87 -5.88 1.06
N ALA A 250 20.71 -5.57 -0.23
CA ALA A 250 19.39 -5.44 -0.84
C ALA A 250 18.59 -6.74 -0.69
N ARG A 251 19.27 -7.87 -0.80
CA ARG A 251 18.65 -9.18 -0.61
C ARG A 251 17.99 -9.23 0.76
N PHE A 252 18.71 -8.73 1.75
CA PHE A 252 18.22 -8.70 3.12
C PHE A 252 16.94 -7.88 3.22
N TYR A 253 17.00 -6.61 2.83
CA TYR A 253 15.83 -5.74 2.87
C TYR A 253 14.72 -6.31 1.99
N GLY A 254 15.09 -6.84 0.84
CA GLY A 254 14.14 -7.44 -0.07
C GLY A 254 13.41 -8.62 0.56
N ALA A 255 14.17 -9.48 1.23
CA ALA A 255 13.59 -10.66 1.86
C ALA A 255 12.55 -10.29 2.90
N GLU A 256 12.87 -9.31 3.74
CA GLU A 256 11.98 -8.94 4.82
C GLU A 256 10.69 -8.32 4.30
N ILE A 257 10.77 -7.61 3.19
CA ILE A 257 9.59 -7.06 2.54
C ILE A 257 8.74 -8.17 1.95
N VAL A 258 9.39 -9.17 1.35
CA VAL A 258 8.67 -10.28 0.76
C VAL A 258 7.88 -11.01 1.84
N SER A 259 8.51 -11.21 2.99
CA SER A 259 7.84 -11.85 4.11
C SER A 259 6.57 -11.09 4.47
N ALA A 260 6.69 -9.77 4.61
CA ALA A 260 5.54 -8.96 5.00
C ALA A 260 4.45 -8.95 3.93
N LEU A 261 4.84 -8.86 2.66
CA LEU A 261 3.88 -8.86 1.57
C LEU A 261 3.13 -10.19 1.52
N ASP A 262 3.84 -11.28 1.77
CA ASP A 262 3.21 -12.59 1.82
C ASP A 262 2.14 -12.61 2.89
N TYR A 263 2.47 -12.01 4.03
CA TYR A 263 1.60 -11.94 5.18
C TYR A 263 0.32 -11.18 4.83
N LEU A 264 0.47 -10.01 4.21
CA LEU A 264 -0.67 -9.17 3.84
C LEU A 264 -1.55 -9.82 2.78
N HIS A 265 -0.94 -10.66 1.96
CA HIS A 265 -1.66 -11.30 0.86
C HIS A 265 -2.39 -12.56 1.29
N SER A 266 -1.70 -13.45 1.99
CA SER A 266 -2.29 -14.74 2.33
C SER A 266 -3.14 -14.68 3.59
N GLU A 267 -2.63 -14.03 4.64
CA GLU A 267 -3.40 -13.88 5.88
C GLU A 267 -4.45 -12.78 5.77
N LYS A 268 -4.01 -11.57 5.46
CA LYS A 268 -4.90 -10.42 5.54
C LYS A 268 -5.68 -10.19 4.24
N ASN A 269 -5.29 -10.89 3.17
CA ASN A 269 -5.90 -10.73 1.85
C ASN A 269 -6.08 -9.28 1.48
N VAL A 270 -5.02 -8.51 1.67
CA VAL A 270 -5.04 -7.12 1.25
C VAL A 270 -3.78 -6.86 0.46
N VAL A 271 -3.85 -5.84 -0.37
CA VAL A 271 -2.71 -5.40 -1.17
C VAL A 271 -2.20 -4.09 -0.59
N TYR A 272 -0.89 -3.98 -0.44
CA TYR A 272 -0.30 -2.78 0.13
C TYR A 272 -0.42 -1.61 -0.84
N ARG A 273 -0.09 -1.86 -2.09
CA ARG A 273 -0.42 -0.96 -3.21
C ARG A 273 0.41 0.33 -3.23
N ASP A 274 1.19 0.56 -2.19
CA ASP A 274 1.96 1.79 -2.07
C ASP A 274 3.40 1.47 -1.68
N LEU A 275 3.95 0.42 -2.27
CA LEU A 275 5.29 0.00 -1.93
C LEU A 275 6.32 0.87 -2.64
N LYS A 276 6.86 1.80 -1.88
CA LYS A 276 7.88 2.72 -2.36
C LYS A 276 8.99 2.78 -1.32
N LEU A 277 10.11 3.40 -1.69
CA LEU A 277 11.23 3.55 -0.79
C LEU A 277 10.89 4.43 0.42
N GLU A 278 10.03 5.41 0.22
CA GLU A 278 9.67 6.37 1.27
C GLU A 278 8.89 5.72 2.39
N ASN A 279 8.29 4.56 2.08
CA ASN A 279 7.44 3.84 3.02
C ASN A 279 8.17 2.69 3.69
N LEU A 280 9.49 2.79 3.72
CA LEU A 280 10.32 1.78 4.37
C LEU A 280 11.22 2.42 5.40
N MET A 281 11.22 1.86 6.60
CA MET A 281 12.09 2.36 7.65
C MET A 281 12.85 1.22 8.28
N LEU A 282 13.83 1.56 9.10
CA LEU A 282 14.60 0.56 9.82
C LEU A 282 14.38 0.75 11.30
N ASP A 283 14.30 -0.34 12.06
CA ASP A 283 14.20 -0.22 13.51
C ASP A 283 15.61 -0.10 14.10
N LYS A 284 15.68 -0.03 15.43
CA LYS A 284 16.97 0.12 16.10
C LYS A 284 17.93 -1.01 15.74
N ASP A 285 17.39 -2.21 15.56
CA ASP A 285 18.21 -3.37 15.20
C ASP A 285 18.72 -3.27 13.76
N GLY A 286 17.93 -2.62 12.91
CA GLY A 286 18.29 -2.45 11.51
C GLY A 286 17.42 -3.27 10.56
N HIS A 287 16.31 -3.79 11.07
CA HIS A 287 15.37 -4.56 10.26
C HIS A 287 14.33 -3.66 9.62
N ILE A 288 13.68 -4.16 8.57
CA ILE A 288 12.73 -3.36 7.80
C ILE A 288 11.43 -3.14 8.56
N LYS A 289 10.90 -1.93 8.50
CA LYS A 289 9.57 -1.67 8.98
C LYS A 289 8.80 -0.96 7.88
N ILE A 290 7.76 -1.61 7.35
CA ILE A 290 6.89 -0.96 6.37
C ILE A 290 5.86 -0.10 7.09
N THR A 291 5.77 1.16 6.71
CA THR A 291 4.94 2.12 7.41
C THR A 291 3.49 2.06 6.98
N ASP A 292 2.63 2.74 7.74
CA ASP A 292 1.20 2.81 7.48
C ASP A 292 0.74 4.24 7.73
N PHE A 293 1.44 5.18 7.11
CA PHE A 293 1.16 6.60 7.33
C PHE A 293 0.41 7.19 6.14
N GLY A 294 -0.27 6.33 5.39
CA GLY A 294 -0.92 6.73 4.16
C GLY A 294 -2.19 7.51 4.39
N LEU A 295 -2.42 8.51 3.53
CA LEU A 295 -3.60 9.35 3.63
C LEU A 295 -4.12 9.66 2.23
N CYS A 296 -5.42 9.93 2.13
CA CYS A 296 -5.98 10.41 0.88
C CYS A 296 -5.72 11.91 0.71
N LYS A 297 -5.20 12.29 -0.45
CA LYS A 297 -4.93 13.69 -0.78
C LYS A 297 -5.69 14.09 -2.05
N GLU A 298 -6.11 15.36 -2.12
CA GLU A 298 -6.82 15.83 -3.30
C GLU A 298 -6.04 16.94 -4.02
N GLY A 299 -5.72 16.70 -5.29
CA GLY A 299 -5.01 17.68 -6.10
C GLY A 299 -3.51 17.65 -5.87
N GLY A 311 9.14 10.96 -10.49
CA GLY A 311 8.37 11.76 -9.55
C GLY A 311 7.44 10.94 -8.70
N THR A 312 6.24 11.46 -8.43
CA THR A 312 5.24 10.75 -7.64
C THR A 312 4.67 9.49 -8.30
N PRO A 313 4.40 9.52 -9.62
CA PRO A 313 3.80 8.28 -10.10
C PRO A 313 4.80 7.16 -10.43
N GLU A 314 6.08 7.35 -10.11
CA GLU A 314 7.13 6.39 -10.48
C GLU A 314 6.93 5.00 -9.88
N TYR A 315 6.51 4.95 -8.62
CA TYR A 315 6.38 3.68 -7.92
C TYR A 315 5.13 2.90 -8.34
N LEU A 316 4.38 3.46 -9.29
CA LEU A 316 3.07 2.92 -9.61
C LEU A 316 3.10 1.84 -10.67
N ALA A 317 2.39 0.74 -10.40
CA ALA A 317 2.25 -0.35 -11.35
C ALA A 317 1.48 0.13 -12.57
N PRO A 318 1.79 -0.44 -13.75
CA PRO A 318 1.12 0.01 -14.97
C PRO A 318 -0.40 -0.14 -14.90
N GLU A 319 -0.88 -1.32 -14.50
CA GLU A 319 -2.31 -1.55 -14.36
C GLU A 319 -2.96 -0.53 -13.43
N VAL A 320 -2.22 -0.06 -12.43
CA VAL A 320 -2.75 0.93 -11.51
C VAL A 320 -2.89 2.29 -12.20
N LEU A 321 -1.90 2.65 -13.03
CA LEU A 321 -1.96 3.89 -13.79
C LEU A 321 -3.13 3.90 -14.78
N GLU A 322 -3.46 2.72 -15.30
CA GLU A 322 -4.52 2.59 -16.29
C GLU A 322 -5.87 2.30 -15.65
N ASP A 323 -5.91 2.39 -14.33
CA ASP A 323 -7.14 2.16 -13.55
C ASP A 323 -7.86 0.86 -13.94
N ASN A 324 -7.07 -0.16 -14.26
CA ASN A 324 -7.62 -1.49 -14.50
C ASN A 324 -7.79 -2.25 -13.19
N ASP A 325 -8.22 -3.49 -13.30
CA ASP A 325 -8.19 -4.38 -12.14
C ASP A 325 -6.76 -4.59 -11.73
N TYR A 326 -6.48 -4.40 -10.46
CA TYR A 326 -5.16 -4.73 -9.94
C TYR A 326 -5.30 -5.75 -8.83
N GLY A 327 -4.24 -6.49 -8.59
CA GLY A 327 -4.26 -7.49 -7.54
C GLY A 327 -2.92 -7.47 -6.81
N ARG A 328 -2.53 -8.64 -6.32
CA ARG A 328 -1.32 -8.77 -5.52
C ARG A 328 -0.08 -8.36 -6.29
N ALA A 329 -0.06 -8.66 -7.58
CA ALA A 329 1.10 -8.38 -8.43
C ALA A 329 1.60 -6.93 -8.30
N VAL A 330 0.69 -6.00 -7.97
CA VAL A 330 1.09 -4.61 -7.77
C VAL A 330 2.20 -4.47 -6.73
N ASP A 331 2.09 -5.19 -5.62
CA ASP A 331 3.11 -5.08 -4.59
C ASP A 331 4.45 -5.61 -5.09
N TRP A 332 4.41 -6.60 -5.97
CA TRP A 332 5.64 -7.15 -6.53
C TRP A 332 6.31 -6.17 -7.47
N TRP A 333 5.50 -5.45 -8.23
CA TRP A 333 5.99 -4.31 -8.98
C TRP A 333 6.69 -3.33 -8.04
N GLY A 334 5.95 -2.87 -7.03
CA GLY A 334 6.49 -1.99 -6.02
C GLY A 334 7.82 -2.50 -5.49
N LEU A 335 7.84 -3.79 -5.17
CA LEU A 335 9.05 -4.45 -4.70
C LEU A 335 10.17 -4.35 -5.73
N GLY A 336 9.80 -4.46 -6.99
CA GLY A 336 10.77 -4.36 -8.06
C GLY A 336 11.42 -2.98 -8.09
N VAL A 337 10.59 -1.94 -8.01
CA VAL A 337 11.11 -0.57 -8.08
C VAL A 337 12.06 -0.28 -6.94
N VAL A 338 11.65 -0.69 -5.75
CA VAL A 338 12.46 -0.49 -4.56
C VAL A 338 13.80 -1.20 -4.69
N MET A 339 13.78 -2.49 -5.00
CA MET A 339 15.02 -3.25 -5.08
C MET A 339 15.90 -2.79 -6.25
N TYR A 340 15.26 -2.22 -7.27
CA TYR A 340 16.00 -1.65 -8.37
C TYR A 340 16.83 -0.46 -7.88
N GLU A 341 16.21 0.39 -7.07
CA GLU A 341 16.91 1.58 -6.59
C GLU A 341 18.04 1.22 -5.62
N MET A 342 17.84 0.17 -4.84
CA MET A 342 18.82 -0.25 -3.86
C MET A 342 20.10 -0.73 -4.52
N MET A 343 19.97 -1.41 -5.65
CA MET A 343 21.11 -2.05 -6.29
C MET A 343 21.66 -1.23 -7.46
N CYS A 344 20.96 -0.16 -7.82
CA CYS A 344 21.39 0.67 -8.95
C CYS A 344 21.64 2.11 -8.53
N GLY A 345 21.04 2.53 -7.42
CA GLY A 345 21.21 3.89 -6.93
C GLY A 345 20.44 4.87 -7.78
N ARG A 346 19.37 4.37 -8.38
CA ARG A 346 18.57 5.16 -9.31
C ARG A 346 17.21 4.51 -9.53
N LEU A 347 16.18 5.32 -9.69
CA LEU A 347 14.87 4.81 -10.08
C LEU A 347 14.92 4.28 -11.51
N PRO A 348 14.06 3.33 -11.85
CA PRO A 348 14.00 2.80 -13.21
C PRO A 348 13.70 3.89 -14.24
N PHE A 349 12.70 4.73 -13.98
CA PHE A 349 12.37 5.84 -14.87
C PHE A 349 12.43 7.18 -14.14
N TYR A 350 12.68 8.25 -14.87
CA TYR A 350 12.91 9.53 -14.23
C TYR A 350 12.17 10.73 -14.85
N ASN A 351 12.03 10.73 -16.18
CA ASN A 351 11.60 11.92 -16.94
C ASN A 351 10.46 12.75 -16.34
N GLN A 352 10.54 14.06 -16.52
CA GLN A 352 9.70 15.03 -15.82
C GLN A 352 8.25 15.07 -16.30
N ASP A 353 8.07 15.18 -17.61
CA ASP A 353 6.75 15.21 -18.22
C ASP A 353 5.89 14.04 -17.73
N HIS A 354 4.78 14.36 -17.09
CA HIS A 354 3.90 13.35 -16.52
C HIS A 354 3.33 12.42 -17.58
N GLU A 355 3.08 12.95 -18.77
CA GLU A 355 2.61 12.13 -19.87
C GLU A 355 3.74 11.23 -20.38
N LYS A 356 4.97 11.71 -20.26
CA LYS A 356 6.15 10.94 -20.66
C LYS A 356 6.55 9.98 -19.56
N LEU A 357 6.38 10.39 -18.30
CA LEU A 357 6.67 9.53 -17.17
C LEU A 357 5.67 8.38 -17.11
N PHE A 358 4.41 8.69 -17.41
CA PHE A 358 3.38 7.67 -17.50
C PHE A 358 3.72 6.68 -18.60
N GLU A 359 4.04 7.19 -19.78
CA GLU A 359 4.31 6.34 -20.91
C GLU A 359 5.63 5.58 -20.71
N LEU A 360 6.53 6.14 -19.91
CA LEU A 360 7.76 5.43 -19.56
C LEU A 360 7.40 4.13 -18.84
N ILE A 361 6.62 4.24 -17.78
CA ILE A 361 6.16 3.08 -17.00
C ILE A 361 5.26 2.15 -17.81
N LEU A 362 4.48 2.72 -18.72
CA LEU A 362 3.46 1.96 -19.44
C LEU A 362 4.01 1.16 -20.61
N MET A 363 4.95 1.73 -21.37
CA MET A 363 5.43 1.07 -22.58
C MET A 363 6.96 0.92 -22.65
N GLU A 364 7.69 1.94 -22.17
CA GLU A 364 9.15 1.85 -22.16
C GLU A 364 9.59 0.82 -21.13
N GLU A 365 10.81 0.31 -21.31
CA GLU A 365 11.27 -0.78 -20.46
C GLU A 365 12.49 -0.40 -19.66
N ILE A 366 12.92 -1.33 -18.83
CA ILE A 366 13.93 -1.03 -17.82
C ILE A 366 15.32 -1.52 -18.21
N ARG A 367 16.25 -0.59 -18.35
CA ARG A 367 17.63 -0.93 -18.61
C ARG A 367 18.29 -1.39 -17.31
N PHE A 368 19.26 -2.29 -17.43
CA PHE A 368 19.99 -2.79 -16.28
C PHE A 368 21.48 -2.45 -16.40
N PRO A 369 22.08 -1.97 -15.31
CA PRO A 369 23.51 -1.69 -15.30
C PRO A 369 24.32 -2.98 -15.32
N ARG A 370 25.46 -2.99 -16.02
CA ARG A 370 26.30 -4.17 -16.09
C ARG A 370 26.92 -4.51 -14.73
N THR A 371 26.90 -3.57 -13.81
CA THR A 371 27.39 -3.79 -12.44
C THR A 371 26.50 -4.80 -11.73
N LEU A 372 25.24 -4.86 -12.17
CA LEU A 372 24.26 -5.76 -11.59
C LEU A 372 24.52 -7.21 -12.00
N GLY A 373 24.26 -8.14 -11.08
CA GLY A 373 24.46 -9.55 -11.36
C GLY A 373 23.29 -10.15 -12.13
N PRO A 374 23.50 -11.32 -12.73
CA PRO A 374 22.47 -11.96 -13.57
C PRO A 374 21.27 -12.44 -12.76
N GLU A 375 21.52 -12.86 -11.52
CA GLU A 375 20.44 -13.33 -10.66
C GLU A 375 19.52 -12.16 -10.27
N ALA A 376 20.12 -10.99 -10.08
CA ALA A 376 19.36 -9.78 -9.79
C ALA A 376 18.57 -9.34 -11.02
N LYS A 377 19.17 -9.54 -12.20
CA LYS A 377 18.55 -9.22 -13.48
C LYS A 377 17.25 -9.98 -13.71
N SER A 378 17.27 -11.30 -13.49
CA SER A 378 16.08 -12.11 -13.65
C SER A 378 15.00 -11.69 -12.67
N LEU A 379 15.42 -11.36 -11.45
CA LEU A 379 14.48 -10.96 -10.41
C LEU A 379 13.79 -9.64 -10.75
N LEU A 380 14.56 -8.60 -11.02
CA LEU A 380 13.96 -7.31 -11.35
C LEU A 380 13.13 -7.38 -12.64
N SER A 381 13.64 -8.11 -13.64
CA SER A 381 12.94 -8.27 -14.91
C SER A 381 11.55 -8.86 -14.73
N GLY A 382 11.46 -9.87 -13.86
CA GLY A 382 10.20 -10.52 -13.60
C GLY A 382 9.28 -9.65 -12.76
N LEU A 383 9.85 -9.02 -11.74
CA LEU A 383 9.10 -8.16 -10.83
C LEU A 383 8.52 -6.94 -11.54
N LEU A 384 9.25 -6.47 -12.55
CA LEU A 384 8.90 -5.25 -13.24
C LEU A 384 8.36 -5.52 -14.63
N LYS A 385 7.56 -6.57 -14.74
CA LYS A 385 6.87 -6.90 -15.98
C LYS A 385 5.61 -6.03 -16.10
N LYS A 386 5.34 -5.55 -17.31
CA LYS A 386 4.19 -4.69 -17.56
C LYS A 386 2.88 -5.39 -17.25
N ASP A 387 2.75 -6.64 -17.70
CA ASP A 387 1.54 -7.42 -17.52
C ASP A 387 1.58 -8.20 -16.21
N PRO A 388 0.65 -7.89 -15.29
CA PRO A 388 0.58 -8.57 -13.98
C PRO A 388 0.46 -10.08 -14.09
N LYS A 389 -0.10 -10.58 -15.19
CA LYS A 389 -0.24 -12.03 -15.37
C LYS A 389 1.09 -12.69 -15.72
N GLN A 390 2.02 -11.90 -16.26
CA GLN A 390 3.33 -12.44 -16.61
C GLN A 390 4.35 -12.09 -15.54
N ARG A 391 3.93 -11.27 -14.59
CA ARG A 391 4.83 -10.74 -13.57
C ARG A 391 5.15 -11.77 -12.49
N LEU A 392 6.39 -11.75 -12.03
CA LEU A 392 6.84 -12.65 -10.99
C LEU A 392 6.06 -12.42 -9.69
N GLY A 393 5.42 -13.47 -9.19
CA GLY A 393 4.59 -13.36 -8.00
C GLY A 393 3.15 -13.04 -8.36
N GLY A 394 2.88 -12.98 -9.66
CA GLY A 394 1.57 -12.59 -10.15
C GLY A 394 0.62 -13.75 -10.30
N GLY A 395 1.16 -14.96 -10.25
CA GLY A 395 0.34 -16.15 -10.33
C GLY A 395 -0.18 -16.56 -8.97
N SER A 396 -0.82 -17.72 -8.93
CA SER A 396 -1.44 -18.27 -7.74
C SER A 396 -0.50 -18.43 -6.55
N GLU A 397 0.76 -18.73 -6.85
CA GLU A 397 1.75 -18.96 -5.79
C GLU A 397 2.03 -17.69 -5.03
N ASP A 398 1.84 -16.56 -5.71
CA ASP A 398 2.17 -15.25 -5.15
C ASP A 398 3.62 -15.23 -4.70
N ALA A 399 3.84 -14.83 -3.45
CA ALA A 399 5.18 -14.68 -2.89
C ALA A 399 6.07 -15.92 -3.05
N LYS A 400 5.45 -17.09 -3.17
CA LYS A 400 6.20 -18.31 -3.36
C LYS A 400 6.99 -18.26 -4.67
N GLU A 401 6.45 -17.57 -5.67
CA GLU A 401 7.15 -17.40 -6.95
C GLU A 401 8.45 -16.63 -6.74
N ILE A 402 8.43 -15.75 -5.77
CA ILE A 402 9.54 -14.84 -5.52
C ILE A 402 10.51 -15.45 -4.53
N MET A 403 9.95 -16.14 -3.54
CA MET A 403 10.78 -16.83 -2.55
C MET A 403 11.56 -17.97 -3.18
N GLN A 404 11.03 -18.57 -4.23
CA GLN A 404 11.74 -19.67 -4.90
C GLN A 404 12.74 -19.18 -5.95
N HIS A 405 12.86 -17.87 -6.11
CA HIS A 405 13.76 -17.30 -7.11
C HIS A 405 15.22 -17.44 -6.69
N ARG A 406 16.09 -17.58 -7.68
CA ARG A 406 17.50 -17.84 -7.43
C ARG A 406 18.24 -16.68 -6.74
N PHE A 407 17.68 -15.49 -6.80
CA PHE A 407 18.28 -14.34 -6.12
C PHE A 407 18.28 -14.57 -4.62
N PHE A 408 17.26 -15.29 -4.16
CA PHE A 408 17.09 -15.62 -2.75
C PHE A 408 17.48 -17.06 -2.45
N ALA A 409 18.52 -17.55 -3.11
CA ALA A 409 19.04 -18.87 -2.82
C ALA A 409 19.86 -18.83 -1.54
N GLY A 410 19.64 -19.81 -0.66
CA GLY A 410 20.36 -19.85 0.60
C GLY A 410 19.70 -18.99 1.65
N ILE A 411 18.48 -18.58 1.38
CA ILE A 411 17.71 -17.76 2.30
C ILE A 411 16.51 -18.56 2.81
N VAL A 412 16.56 -18.99 4.06
CA VAL A 412 15.45 -19.76 4.63
C VAL A 412 14.46 -18.80 5.27
N TRP A 413 13.21 -18.91 4.87
CA TRP A 413 12.22 -17.87 5.11
C TRP A 413 11.60 -17.90 6.50
N GLN A 414 11.67 -19.04 7.17
CA GLN A 414 11.26 -19.09 8.56
C GLN A 414 12.21 -18.24 9.38
N HIS A 415 13.47 -18.22 8.98
CA HIS A 415 14.49 -17.45 9.68
C HIS A 415 14.36 -15.95 9.45
N VAL A 416 13.98 -15.56 8.23
CA VAL A 416 13.75 -14.15 7.93
C VAL A 416 12.66 -13.62 8.84
N TYR A 417 11.56 -14.36 8.95
CA TYR A 417 10.42 -13.98 9.80
C TYR A 417 10.77 -13.90 11.28
N GLU A 418 11.71 -14.72 11.73
CA GLU A 418 12.09 -14.73 13.13
C GLU A 418 13.32 -13.87 13.37
N LYS A 419 13.64 -13.03 12.39
CA LYS A 419 14.76 -12.08 12.47
C LYS A 419 16.09 -12.77 12.80
N LYS A 420 16.26 -13.99 12.32
CA LYS A 420 17.48 -14.74 12.60
C LYS A 420 18.63 -14.24 11.73
N LEU A 421 18.31 -13.78 10.52
CA LEU A 421 19.33 -13.24 9.61
C LEU A 421 19.95 -11.96 10.17
N SER A 422 21.27 -11.96 10.30
CA SER A 422 21.99 -10.81 10.83
C SER A 422 21.94 -9.62 9.88
N PRO A 423 21.44 -8.48 10.36
CA PRO A 423 21.35 -7.25 9.56
C PRO A 423 22.73 -6.80 9.06
N PRO A 424 22.81 -6.40 7.78
CA PRO A 424 24.07 -5.95 7.18
C PRO A 424 24.39 -4.52 7.57
N PHE A 425 23.48 -3.89 8.31
CA PHE A 425 23.65 -2.51 8.71
C PHE A 425 23.01 -2.22 10.07
N LYS A 426 23.79 -1.58 10.95
CA LYS A 426 23.29 -1.22 12.27
C LYS A 426 23.21 0.30 12.45
N PRO A 427 21.99 0.83 12.61
CA PRO A 427 21.75 2.27 12.82
C PRO A 427 22.45 2.82 14.06
N GLN A 428 22.94 4.05 13.97
CA GLN A 428 23.70 4.65 15.06
C GLN A 428 22.82 5.18 16.19
N VAL A 429 22.16 4.26 16.89
CA VAL A 429 21.28 4.66 17.98
C VAL A 429 21.45 3.74 19.19
N THR A 430 21.69 4.35 20.34
CA THR A 430 21.84 3.61 21.58
C THR A 430 20.53 2.92 21.96
N SER A 431 19.43 3.61 21.71
CA SER A 431 18.11 3.14 22.11
C SER A 431 17.05 3.58 21.10
N GLU A 432 15.82 3.13 21.29
CA GLU A 432 14.72 3.57 20.45
C GLU A 432 14.42 5.05 20.69
N THR A 433 14.81 5.55 21.86
CA THR A 433 14.52 6.92 22.24
C THR A 433 15.58 7.86 21.70
N ASP A 434 16.60 7.28 21.08
CA ASP A 434 17.67 8.07 20.46
C ASP A 434 17.10 8.83 19.27
N THR A 435 17.13 10.15 19.37
CA THR A 435 16.56 11.02 18.35
C THR A 435 17.62 11.47 17.36
N ARG A 436 18.54 10.57 17.02
CA ARG A 436 19.67 10.93 16.17
C ARG A 436 19.26 11.03 14.69
N TYR A 437 18.22 10.28 14.32
CA TYR A 437 17.76 10.26 12.94
C TYR A 437 16.60 11.20 12.71
N PHE A 438 16.12 11.82 13.79
CA PHE A 438 15.01 12.76 13.67
C PHE A 438 15.55 14.18 13.45
N ASP A 439 16.72 14.46 14.01
CA ASP A 439 17.35 15.77 13.87
C ASP A 439 17.94 15.98 12.48
#